data_6SVS
#
_entry.id   6SVS
#
_cell.length_a   54.716
_cell.length_b   78.114
_cell.length_c   84.018
_cell.angle_alpha   90.000
_cell.angle_beta   104.200
_cell.angle_gamma   90.000
#
_symmetry.space_group_name_H-M   'P 1 21 1'
#
loop_
_entity.id
_entity.type
_entity.pdbx_description
1 polymer 'RNA (79-mer)'
2 non-polymer GLYCEROL
3 non-polymer 'CALCIUM ION'
4 non-polymer "GUANOSINE-5'-TRIPHOSPHATE"
5 non-polymer "ADENOSINE-5'-PHOSPHATE-2',3'-CYCLIC PHOSPHATE"
6 water water
#
_entity_poly.entity_id   1
_entity_poly.type   'polyribonucleotide'
_entity_poly.pdbx_seq_one_letter_code
;GAAGGUUUUUCUUUUUCCUGAAGGCGAAAGUCUUCAGGUUUUUCUUUUUGGCCUUUCUUAAAAAAAAAAAAAGAAAA
;
_entity_poly.pdbx_strand_id   A,B
#